data_4WZX
#
_entry.id   4WZX
#
_cell.length_a   79.117
_cell.length_b   79.117
_cell.length_c   96.620
_cell.angle_alpha   90.00
_cell.angle_beta   90.00
_cell.angle_gamma   120.00
#
_symmetry.space_group_name_H-M   'H 3 2'
#
loop_
_entity.id
_entity.type
_entity.pdbx_description
1 polymer 'Serine/threonine-protein kinase ULK3'
2 polymer 'IST1 homolog'
3 non-polymer 'COBALT (II) ION'
4 non-polymer 'SULFATE ION'
5 water water
#
loop_
_entity_poly.entity_id
_entity_poly.type
_entity_poly.pdbx_seq_one_letter_code
_entity_poly.pdbx_strand_id
1 'polypeptide(L)'
;GPHMGTSARDLLREMARDKPRLLAALEVASAAMAKEEAAGGEQDALDLYQHSLGELLLLLAAEPPGRRRELLHTEVQNLM
ARAEYLKEQVKMRES
;
A
2 'polypeptide(L)' TSASEDIDFDDLSRRFEELKKKT E
#
# COMPACT_ATOMS: atom_id res chain seq x y z
N THR A 6 -12.33 -15.66 3.21
CA THR A 6 -10.99 -15.13 2.97
C THR A 6 -11.05 -13.77 2.29
N SER A 7 -10.46 -12.77 2.93
CA SER A 7 -10.42 -11.43 2.37
C SER A 7 -9.50 -11.38 1.17
N ALA A 8 -9.62 -10.30 0.39
CA ALA A 8 -8.74 -10.08 -0.75
C ALA A 8 -7.31 -9.97 -0.27
N ARG A 9 -7.12 -9.38 0.90
CA ARG A 9 -5.79 -9.14 1.43
C ARG A 9 -5.13 -10.45 1.86
N ASP A 10 -5.89 -11.30 2.54
CA ASP A 10 -5.40 -12.63 2.93
C ASP A 10 -4.97 -13.41 1.70
N LEU A 11 -5.76 -13.32 0.64
CA LEU A 11 -5.49 -14.05 -0.59
C LEU A 11 -4.25 -13.52 -1.28
N LEU A 12 -4.11 -12.20 -1.33
CA LEU A 12 -2.92 -11.60 -1.93
C LEU A 12 -1.69 -12.10 -1.17
N ARG A 13 -1.78 -12.11 0.15
CA ARG A 13 -0.67 -12.57 0.96
C ARG A 13 -0.31 -14.01 0.64
N GLU A 14 -1.32 -14.84 0.40
CA GLU A 14 -1.06 -16.24 0.09
C GLU A 14 -0.44 -16.42 -1.29
N MET A 15 -0.89 -15.61 -2.24
CA MET A 15 -0.30 -15.65 -3.57
C MET A 15 1.12 -15.14 -3.55
N ALA A 16 1.46 -14.38 -2.51
CA ALA A 16 2.81 -13.79 -2.41
C ALA A 16 3.77 -14.67 -1.61
N ARG A 17 3.33 -15.86 -1.23
CA ARG A 17 4.10 -16.72 -0.34
C ARG A 17 5.50 -17.02 -0.88
N ASP A 18 5.64 -17.07 -2.20
CA ASP A 18 6.92 -17.35 -2.86
C ASP A 18 7.78 -16.12 -3.11
N LYS A 19 7.31 -14.94 -2.69
CA LYS A 19 7.99 -13.70 -3.04
C LYS A 19 8.23 -12.85 -1.79
N PRO A 20 9.31 -13.13 -1.07
CA PRO A 20 9.58 -12.44 0.20
C PRO A 20 9.55 -10.91 0.12
N ARG A 21 9.99 -10.30 -1.00
CA ARG A 21 10.01 -8.83 -1.07
C ARG A 21 8.59 -8.30 -1.06
N LEU A 22 7.70 -9.03 -1.72
CA LEU A 22 6.30 -8.63 -1.77
C LEU A 22 5.63 -8.86 -0.41
N LEU A 23 5.89 -9.99 0.24
CA LEU A 23 5.36 -10.23 1.57
C LEU A 23 5.81 -9.15 2.55
N ALA A 24 7.06 -8.77 2.47
CA ALA A 24 7.63 -7.80 3.40
C ALA A 24 6.98 -6.43 3.21
N ALA A 25 6.79 -6.03 1.95
CA ALA A 25 6.16 -4.73 1.68
C ALA A 25 4.72 -4.74 2.18
N LEU A 26 4.03 -5.87 2.02
CA LEU A 26 2.66 -6.01 2.52
C LEU A 26 2.60 -5.99 4.05
N GLU A 27 3.61 -6.53 4.73
CA GLU A 27 3.63 -6.46 6.19
C GLU A 27 3.86 -5.04 6.69
N VAL A 28 4.65 -4.25 5.96
CA VAL A 28 4.83 -2.85 6.33
C VAL A 28 3.48 -2.13 6.19
N ALA A 29 2.75 -2.43 5.12
CA ALA A 29 1.41 -1.85 4.94
C ALA A 29 0.46 -2.30 6.05
N SER A 30 0.59 -3.55 6.48
CA SER A 30 -0.23 -4.06 7.56
C SER A 30 0.06 -3.29 8.86
N ALA A 31 1.33 -2.98 9.12
CA ALA A 31 1.69 -2.21 10.30
C ALA A 31 1.09 -0.81 10.22
N ALA A 32 1.09 -0.22 9.02
CA ALA A 32 0.48 1.12 8.84
C ALA A 32 -0.96 1.13 9.27
N MET A 33 -1.71 0.12 8.84
CA MET A 33 -3.13 0.01 9.18
C MET A 33 -3.34 -0.21 10.68
N ALA A 34 -2.46 -0.99 11.31
CA ALA A 34 -2.53 -1.20 12.75
C ALA A 34 -2.26 0.13 13.48
N LYS A 35 -1.30 0.91 12.99
CA LYS A 35 -0.96 2.17 13.60
C LYS A 35 -2.12 3.15 13.48
N GLU A 36 -2.86 3.08 12.38
CA GLU A 36 -3.99 3.98 12.17
C GLU A 36 -5.05 3.76 13.26
N GLU A 37 -5.06 2.56 13.86
CA GLU A 37 -6.03 2.23 14.92
C GLU A 37 -5.57 2.57 16.34
N ALA A 38 -4.34 3.05 16.48
CA ALA A 38 -3.77 3.28 17.80
C ALA A 38 -3.71 4.77 18.13
N ALA A 39 -4.01 5.10 19.38
CA ALA A 39 -3.87 6.46 19.89
C ALA A 39 -2.47 6.97 19.63
N GLY A 40 -2.35 8.13 18.99
CA GLY A 40 -1.05 8.71 18.70
C GLY A 40 -0.30 8.11 17.53
N GLY A 41 -0.89 7.13 16.85
CA GLY A 41 -0.21 6.40 15.80
C GLY A 41 -0.22 7.01 14.40
N GLU A 42 -0.81 8.19 14.24
CA GLU A 42 -1.08 8.69 12.92
C GLU A 42 0.18 8.98 12.09
N GLN A 43 1.20 9.57 12.70
CA GLN A 43 2.40 9.88 11.95
C GLN A 43 3.14 8.62 11.58
N ASP A 44 3.23 7.68 12.52
CA ASP A 44 3.86 6.39 12.20
C ASP A 44 3.10 5.71 11.07
N ALA A 45 1.77 5.78 11.10
CA ALA A 45 0.98 5.15 10.04
C ALA A 45 1.31 5.77 8.67
N LEU A 46 1.36 7.09 8.61
CA LEU A 46 1.68 7.75 7.36
C LEU A 46 3.06 7.35 6.84
N ASP A 47 4.03 7.29 7.75
CA ASP A 47 5.38 6.92 7.34
C ASP A 47 5.42 5.48 6.82
N LEU A 48 4.70 4.56 7.47
CA LEU A 48 4.63 3.18 7.00
C LEU A 48 3.86 3.05 5.70
N TYR A 49 2.77 3.82 5.55
CA TYR A 49 2.03 3.79 4.29
C TYR A 49 2.90 4.25 3.13
N GLN A 50 3.58 5.39 3.31
CA GLN A 50 4.45 5.95 2.28
C GLN A 50 5.51 4.93 1.90
N HIS A 51 6.13 4.31 2.89
CA HIS A 51 7.24 3.44 2.56
C HIS A 51 6.78 2.18 1.84
N SER A 52 5.73 1.57 2.35
CA SER A 52 5.19 0.38 1.70
CA SER A 52 5.16 0.39 1.70
C SER A 52 4.67 0.69 0.30
N LEU A 53 3.98 1.83 0.14
CA LEU A 53 3.45 2.17 -1.17
C LEU A 53 4.51 2.35 -2.23
N GLY A 54 5.62 2.98 -1.87
CA GLY A 54 6.72 3.13 -2.80
C GLY A 54 7.18 1.77 -3.32
N GLU A 55 7.36 0.83 -2.39
CA GLU A 55 7.80 -0.52 -2.77
C GLU A 55 6.76 -1.25 -3.58
N LEU A 56 5.51 -1.16 -3.14
CA LEU A 56 4.43 -1.89 -3.81
C LEU A 56 4.16 -1.37 -5.21
N LEU A 57 4.35 -0.07 -5.44
CA LEU A 57 4.18 0.49 -6.78
C LEU A 57 5.18 -0.10 -7.76
N LEU A 58 6.43 -0.23 -7.33
CA LEU A 58 7.44 -0.83 -8.19
C LEU A 58 7.22 -2.35 -8.35
N LEU A 59 6.79 -3.02 -7.29
CA LEU A 59 6.44 -4.44 -7.41
C LEU A 59 5.27 -4.64 -8.36
N LEU A 60 4.30 -3.72 -8.32
CA LEU A 60 3.19 -3.77 -9.23
C LEU A 60 3.65 -3.57 -10.68
N ALA A 61 4.57 -2.63 -10.91
CA ALA A 61 5.15 -2.43 -12.23
C ALA A 61 5.88 -3.69 -12.72
N ALA A 62 6.46 -4.45 -11.79
CA ALA A 62 7.23 -5.66 -12.12
C ALA A 62 6.36 -6.90 -12.29
N GLU A 63 5.12 -6.84 -11.83
CA GLU A 63 4.28 -8.02 -11.78
C GLU A 63 3.79 -8.42 -13.18
N PRO A 64 3.92 -9.72 -13.54
CA PRO A 64 3.31 -10.13 -14.81
C PRO A 64 1.78 -10.13 -14.72
N PRO A 65 1.08 -10.11 -15.86
CA PRO A 65 -0.37 -10.05 -15.73
C PRO A 65 -0.91 -11.34 -15.15
N GLY A 66 -2.01 -11.26 -14.43
CA GLY A 66 -2.56 -12.42 -13.74
C GLY A 66 -3.31 -12.00 -12.51
N ARG A 67 -3.85 -12.97 -11.78
CA ARG A 67 -4.70 -12.65 -10.65
C ARG A 67 -3.95 -11.90 -9.56
N ARG A 68 -2.68 -12.25 -9.34
CA ARG A 68 -1.92 -11.59 -8.29
C ARG A 68 -1.75 -10.11 -8.62
N ARG A 69 -1.52 -9.80 -9.88
CA ARG A 69 -1.40 -8.40 -10.28
C ARG A 69 -2.70 -7.64 -10.03
N GLU A 70 -3.83 -8.25 -10.36
CA GLU A 70 -5.12 -7.63 -10.11
C GLU A 70 -5.34 -7.37 -8.63
N LEU A 71 -5.05 -8.36 -7.79
CA LEU A 71 -5.18 -8.18 -6.35
C LEU A 71 -4.25 -7.09 -5.83
N LEU A 72 -3.01 -7.09 -6.33
CA LEU A 72 -2.02 -6.11 -5.88
C LEU A 72 -2.47 -4.69 -6.27
N HIS A 73 -3.00 -4.55 -7.48
CA HIS A 73 -3.47 -3.23 -7.93
C HIS A 73 -4.60 -2.75 -7.03
N THR A 74 -5.55 -3.62 -6.74
CA THR A 74 -6.65 -3.30 -5.84
C THR A 74 -6.13 -2.89 -4.46
N GLU A 75 -5.16 -3.62 -3.94
CA GLU A 75 -4.61 -3.30 -2.62
C GLU A 75 -3.85 -1.97 -2.62
N VAL A 76 -3.06 -1.72 -3.67
CA VAL A 76 -2.32 -0.47 -3.78
C VAL A 76 -3.29 0.72 -3.85
N GLN A 77 -4.38 0.59 -4.62
CA GLN A 77 -5.37 1.66 -4.71
C GLN A 77 -5.97 1.93 -3.35
N ASN A 78 -6.26 0.87 -2.61
CA ASN A 78 -6.87 1.01 -1.30
C ASN A 78 -5.92 1.63 -0.30
N LEU A 79 -4.65 1.18 -0.31
CA LEU A 79 -3.68 1.73 0.59
C LEU A 79 -3.44 3.21 0.31
N MET A 80 -3.34 3.57 -0.97
CA MET A 80 -3.14 4.96 -1.33
C MET A 80 -4.31 5.82 -0.80
N ALA A 81 -5.52 5.33 -0.99
CA ALA A 81 -6.71 6.05 -0.53
C ALA A 81 -6.76 6.16 0.99
N ARG A 82 -6.41 5.09 1.71
CA ARG A 82 -6.39 5.15 3.16
C ARG A 82 -5.38 6.18 3.64
N ALA A 83 -4.20 6.18 3.03
CA ALA A 83 -3.16 7.10 3.41
C ALA A 83 -3.55 8.54 3.09
N GLU A 84 -4.14 8.75 1.91
CA GLU A 84 -4.60 10.10 1.54
C GLU A 84 -5.62 10.65 2.54
N TYR A 85 -6.57 9.80 2.94
CA TYR A 85 -7.59 10.24 3.87
C TYR A 85 -6.97 10.57 5.23
N LEU A 86 -6.06 9.71 5.68
CA LEU A 86 -5.41 9.91 6.96
C LEU A 86 -4.60 11.19 6.95
N LYS A 87 -3.93 11.45 5.85
CA LYS A 87 -3.13 12.66 5.73
C LYS A 87 -4.01 13.90 5.87
N GLU A 88 -5.18 13.89 5.25
CA GLU A 88 -6.10 15.01 5.39
C GLU A 88 -6.57 15.16 6.81
N GLN A 89 -6.79 14.06 7.52
CA GLN A 89 -7.25 14.15 8.91
C GLN A 89 -6.15 14.74 9.78
N VAL A 90 -4.92 14.33 9.52
CA VAL A 90 -3.77 14.83 10.27
C VAL A 90 -3.57 16.32 10.05
N LYS A 91 -3.85 16.77 8.83
CA LYS A 91 -3.60 18.14 8.43
C LYS A 91 -4.52 19.12 9.14
N MET A 92 -5.58 18.61 9.77
CA MET A 92 -6.47 19.47 10.54
C MET A 92 -5.92 19.71 11.94
N ASP B 6 -5.50 -2.20 -17.38
CA ASP B 6 -4.55 -1.11 -17.53
C ASP B 6 -4.41 -0.31 -16.24
N ILE B 7 -3.18 -0.28 -15.74
CA ILE B 7 -2.86 0.44 -14.51
C ILE B 7 -2.38 1.82 -14.88
N ASP B 8 -2.96 2.84 -14.25
CA ASP B 8 -2.59 4.22 -14.50
C ASP B 8 -1.45 4.60 -13.55
N PHE B 9 -0.22 4.31 -13.97
CA PHE B 9 0.95 4.64 -13.16
C PHE B 9 1.20 6.14 -13.13
N ASP B 10 0.69 6.87 -14.11
CA ASP B 10 0.84 8.32 -14.07
C ASP B 10 0.06 8.87 -12.87
N ASP B 11 -1.18 8.46 -12.74
CA ASP B 11 -2.02 8.89 -11.61
C ASP B 11 -1.38 8.46 -10.28
N LEU B 12 -0.94 7.22 -10.21
CA LEU B 12 -0.38 6.70 -8.98
C LEU B 12 0.93 7.38 -8.59
N SER B 13 1.78 7.66 -9.58
CA SER B 13 3.01 8.36 -9.28
C SER B 13 2.76 9.79 -8.83
N ARG B 14 1.80 10.47 -9.45
CA ARG B 14 1.43 11.82 -9.01
C ARG B 14 0.95 11.81 -7.56
N ARG B 15 0.05 10.89 -7.28
CA ARG B 15 -0.56 10.79 -5.96
C ARG B 15 0.50 10.43 -4.92
N PHE B 16 1.45 9.59 -5.30
CA PHE B 16 2.48 9.18 -4.38
C PHE B 16 3.39 10.36 -3.99
N GLU B 17 3.81 11.17 -4.97
CA GLU B 17 4.66 12.34 -4.66
C GLU B 17 3.92 13.29 -3.73
N GLU B 18 2.62 13.46 -3.98
CA GLU B 18 1.81 14.37 -3.17
C GLU B 18 1.70 13.85 -1.74
N LEU B 19 1.50 12.55 -1.61
CA LEU B 19 1.35 11.93 -0.30
C LEU B 19 2.63 12.10 0.55
N LYS B 20 3.78 11.87 -0.08
CA LYS B 20 5.10 11.84 0.58
C LYS B 20 5.52 13.04 1.43
N LYS B 21 4.89 14.18 1.22
CA LYS B 21 5.35 15.42 1.83
C LYS B 21 5.30 15.38 3.37
#